data_5G5F
#
_entry.id   5G5F
#
_cell.length_a   87.483
_cell.length_b   48.240
_cell.length_c   52.684
_cell.angle_alpha   90.00
_cell.angle_beta   104.16
_cell.angle_gamma   90.00
#
_symmetry.space_group_name_H-M   'C 1 2 1'
#
loop_
_entity.id
_entity.type
_entity.pdbx_description
1 polymer 'TAU CLASS GLUTATHIONE S-TRANSFERASE'
2 non-polymer GLUTATHIONE
3 non-polymer DI(HYDROXYETHYL)ETHER
4 water water
#
_entity_poly.entity_id   1
_entity_poly.type   'polypeptide(L)'
_entity_poly.pdbx_seq_one_letter_code
;MAKSDVKLLGAWPSPYVMRARITLNVKSVDYELLEETLGSKSDLLLKSNPVHKKIPVLIHNDKPICESLIIVHYIDEFWS
SGPSILPSDPYDRAIARFWAAYLDEKWYPSLKGIASAQGEEAKKAAVDQVGESLALIEDTYVKLSKGKPFFGGEKIGYLD
IAFGCFLGWLRVTEKTSGVKFLNEAKTPHLAKWAVRFCADPAVKDVMPETEKLAEFAKLLAKFRAGPPK
;
_entity_poly.pdbx_strand_id   A
#
loop_
_chem_comp.id
_chem_comp.type
_chem_comp.name
_chem_comp.formula
GSH non-polymer GLUTATHIONE 'C10 H17 N3 O6 S'
PEG non-polymer DI(HYDROXYETHYL)ETHER 'C4 H10 O3'
#
# COMPACT_ATOMS: atom_id res chain seq x y z
N LYS A 3 -18.76 11.97 -1.25
CA LYS A 3 -18.03 12.83 -2.18
C LYS A 3 -18.17 14.29 -1.78
N SER A 4 -19.38 14.70 -1.43
CA SER A 4 -19.60 16.03 -0.87
C SER A 4 -18.95 16.12 0.50
N ASP A 5 -18.94 15.00 1.20
CA ASP A 5 -18.47 14.96 2.59
C ASP A 5 -17.06 14.41 2.70
N VAL A 6 -16.62 13.66 1.69
CA VAL A 6 -15.30 13.03 1.74
C VAL A 6 -14.41 13.45 0.57
N LYS A 7 -13.24 13.98 0.90
CA LYS A 7 -12.24 14.32 -0.11
C LYS A 7 -10.91 13.67 0.25
N LEU A 8 -10.20 13.17 -0.77
CA LEU A 8 -8.90 12.56 -0.57
C LEU A 8 -7.80 13.33 -1.29
N LEU A 9 -6.91 13.94 -0.52
CA LEU A 9 -5.75 14.61 -1.09
C LEU A 9 -4.65 13.59 -1.35
N GLY A 10 -4.21 13.46 -2.61
CA GLY A 10 -3.16 12.52 -2.91
C GLY A 10 -2.57 12.63 -4.31
N ALA A 11 -1.93 11.55 -4.74
CA ALA A 11 -1.38 11.44 -6.08
C ALA A 11 -1.56 10.02 -6.57
N TRP A 12 -1.89 9.87 -7.85
CA TRP A 12 -2.21 8.56 -8.41
C TRP A 12 -1.10 7.50 -8.28
N PRO A 13 0.20 7.88 -8.33
CA PRO A 13 1.14 6.75 -8.24
C PRO A 13 1.54 6.41 -6.82
N SER A 14 0.97 7.11 -5.84
CA SER A 14 1.32 6.88 -4.44
C SER A 14 0.68 5.61 -3.89
N PRO A 15 1.50 4.71 -3.33
CA PRO A 15 0.99 3.49 -2.72
C PRO A 15 0.18 3.76 -1.45
N TYR A 16 0.56 4.79 -0.70
CA TYR A 16 -0.13 5.13 0.54
C TYR A 16 -1.50 5.74 0.27
N VAL A 17 -1.59 6.53 -0.80
CA VAL A 17 -2.87 7.10 -1.21
C VAL A 17 -3.79 5.97 -1.66
N MET A 18 -3.22 4.95 -2.31
CA MET A 18 -3.98 3.81 -2.79
C MET A 18 -4.63 3.05 -1.63
N ARG A 19 -3.98 3.06 -0.48
CA ARG A 19 -4.53 2.42 0.73
C ARG A 19 -5.90 3.01 1.07
N ALA A 20 -5.98 4.34 1.04
CA ALA A 20 -7.23 5.03 1.34
C ALA A 20 -8.28 4.73 0.28
N ARG A 21 -7.86 4.79 -0.98
CA ARG A 21 -8.75 4.54 -2.12
C ARG A 21 -9.38 3.15 -2.04
N ILE A 22 -8.55 2.15 -1.76
CA ILE A 22 -9.02 0.77 -1.62
C ILE A 22 -9.98 0.63 -0.44
N THR A 23 -9.60 1.18 0.69
CA THR A 23 -10.43 1.11 1.90
C THR A 23 -11.77 1.79 1.69
N LEU A 24 -11.75 2.92 0.99
CA LEU A 24 -12.99 3.64 0.68
C LEU A 24 -13.88 2.81 -0.24
N ASN A 25 -13.27 2.14 -1.22
CA ASN A 25 -14.00 1.29 -2.14
C ASN A 25 -14.68 0.11 -1.43
N VAL A 26 -13.94 -0.52 -0.53
CA VAL A 26 -14.46 -1.63 0.26
C VAL A 26 -15.71 -1.20 1.02
N LYS A 27 -15.68 0.00 1.56
CA LYS A 27 -16.79 0.54 2.34
C LYS A 27 -17.88 1.15 1.45
N SER A 28 -17.65 1.15 0.15
CA SER A 28 -18.53 1.79 -0.82
C SER A 28 -18.76 3.26 -0.46
N VAL A 29 -17.71 3.92 0.02
CA VAL A 29 -17.79 5.34 0.34
C VAL A 29 -17.29 6.16 -0.86
N ASP A 30 -18.17 7.00 -1.39
CA ASP A 30 -17.81 7.86 -2.51
C ASP A 30 -17.02 9.05 -2.01
N TYR A 31 -16.14 9.58 -2.86
CA TYR A 31 -15.24 10.64 -2.46
C TYR A 31 -14.70 11.39 -3.66
N GLU A 32 -14.34 12.66 -3.45
CA GLU A 32 -13.68 13.43 -4.49
C GLU A 32 -12.17 13.27 -4.37
N LEU A 33 -11.50 13.10 -5.50
CA LEU A 33 -10.06 12.93 -5.53
C LEU A 33 -9.36 14.19 -6.00
N LEU A 34 -8.46 14.72 -5.16
CA LEU A 34 -7.71 15.91 -5.51
C LEU A 34 -6.23 15.56 -5.67
N GLU A 35 -5.75 15.60 -6.91
CA GLU A 35 -4.40 15.15 -7.24
C GLU A 35 -3.33 16.18 -6.91
N GLU A 36 -2.20 15.71 -6.41
CA GLU A 36 -1.06 16.58 -6.11
C GLU A 36 -0.08 16.60 -7.29
N THR A 37 0.21 17.79 -7.79
CA THR A 37 1.26 17.91 -8.80
C THR A 37 2.62 17.76 -8.12
N LEU A 38 3.23 16.60 -8.34
CA LEU A 38 4.46 16.26 -7.66
C LEU A 38 5.63 17.10 -8.18
N GLY A 39 6.36 17.68 -7.24
CA GLY A 39 7.35 18.70 -7.54
C GLY A 39 7.03 19.94 -6.74
N SER A 40 5.75 20.13 -6.45
CA SER A 40 5.27 21.22 -5.61
C SER A 40 4.11 20.74 -4.74
N LYS A 41 3.77 21.53 -3.72
CA LYS A 41 2.71 21.14 -2.81
C LYS A 41 1.57 22.16 -2.81
N SER A 42 0.36 21.66 -3.01
CA SER A 42 -0.83 22.51 -3.05
C SER A 42 -1.06 23.20 -1.71
N ASP A 43 -1.71 24.35 -1.75
CA ASP A 43 -2.01 25.11 -0.54
C ASP A 43 -3.01 24.36 0.34
N LEU A 44 -3.85 23.55 -0.28
CA LEU A 44 -4.81 22.74 0.47
C LEU A 44 -4.07 21.66 1.25
N LEU A 45 -3.07 21.04 0.63
CA LEU A 45 -2.24 20.05 1.30
C LEU A 45 -1.47 20.68 2.46
N LEU A 46 -1.06 21.94 2.25
CA LEU A 46 -0.33 22.69 3.27
C LEU A 46 -1.23 23.04 4.45
N LYS A 47 -2.45 23.48 4.14
CA LYS A 47 -3.44 23.75 5.18
C LYS A 47 -3.85 22.48 5.90
N SER A 48 -4.09 21.42 5.13
CA SER A 48 -4.65 20.18 5.66
C SER A 48 -3.61 19.33 6.38
N ASN A 49 -2.35 19.46 6.01
CA ASN A 49 -1.28 18.73 6.69
C ASN A 49 -0.05 19.61 6.85
N PRO A 50 -0.11 20.58 7.78
CA PRO A 50 1.02 21.49 8.00
C PRO A 50 2.21 20.81 8.66
N VAL A 51 1.93 19.75 9.41
CA VAL A 51 2.95 19.06 10.19
C VAL A 51 3.91 18.25 9.31
N HIS A 52 3.36 17.38 8.47
CA HIS A 52 4.17 16.50 7.63
C HIS A 52 4.22 16.95 6.19
N LYS A 53 3.19 17.68 5.77
CA LYS A 53 3.03 18.10 4.37
C LYS A 53 3.07 16.89 3.45
N LYS A 54 2.43 15.81 3.89
CA LYS A 54 2.41 14.55 3.14
C LYS A 54 1.01 14.12 2.73
N ILE A 55 0.94 13.45 1.60
CA ILE A 55 -0.28 12.77 1.17
C ILE A 55 -0.16 11.30 1.55
N PRO A 56 -1.29 10.61 1.77
CA PRO A 56 -2.68 11.05 1.61
C PRO A 56 -3.23 11.84 2.79
N VAL A 57 -4.17 12.72 2.51
CA VAL A 57 -4.96 13.37 3.54
C VAL A 57 -6.44 13.16 3.25
N LEU A 58 -7.14 12.50 4.17
CA LEU A 58 -8.57 12.32 4.04
C LEU A 58 -9.30 13.48 4.70
N ILE A 59 -10.12 14.19 3.93
CA ILE A 59 -10.89 15.29 4.49
C ILE A 59 -12.36 14.89 4.59
N HIS A 60 -12.77 14.57 5.81
CA HIS A 60 -14.13 14.12 6.08
C HIS A 60 -14.90 15.19 6.84
N ASN A 61 -15.93 15.75 6.19
CA ASN A 61 -16.70 16.85 6.75
C ASN A 61 -15.80 18.02 7.15
N ASP A 62 -14.85 18.33 6.28
CA ASP A 62 -13.91 19.44 6.45
C ASP A 62 -13.00 19.26 7.66
N LYS A 63 -12.71 18.01 7.99
CA LYS A 63 -11.72 17.68 9.03
C LYS A 63 -10.64 16.78 8.45
N PRO A 64 -9.37 17.21 8.56
CA PRO A 64 -8.27 16.42 8.01
C PRO A 64 -7.93 15.18 8.84
N ILE A 65 -7.65 14.08 8.17
CA ILE A 65 -7.10 12.88 8.81
C ILE A 65 -5.84 12.48 8.06
N CYS A 66 -4.72 12.47 8.75
CA CYS A 66 -3.43 12.23 8.12
C CYS A 66 -2.85 10.86 8.45
N GLU A 67 -1.82 10.48 7.69
CA GLU A 67 -1.17 9.16 7.77
C GLU A 67 -2.12 8.06 7.30
N SER A 68 -1.70 7.37 6.24
CA SER A 68 -2.53 6.39 5.54
C SER A 68 -3.08 5.28 6.45
N LEU A 69 -2.23 4.74 7.32
CA LEU A 69 -2.63 3.66 8.20
C LEU A 69 -3.63 4.15 9.25
N ILE A 70 -3.49 5.40 9.64
CA ILE A 70 -4.44 6.01 10.56
C ILE A 70 -5.74 6.29 9.82
N ILE A 71 -5.62 6.65 8.54
CA ILE A 71 -6.78 6.88 7.68
C ILE A 71 -7.57 5.58 7.50
N VAL A 72 -6.86 4.48 7.24
CA VAL A 72 -7.50 3.18 7.09
C VAL A 72 -8.27 2.80 8.35
N HIS A 73 -7.64 2.96 9.50
CA HIS A 73 -8.29 2.73 10.79
C HIS A 73 -9.55 3.57 10.93
N TYR A 74 -9.43 4.84 10.58
CA TYR A 74 -10.55 5.78 10.72
C TYR A 74 -11.75 5.40 9.86
N ILE A 75 -11.48 5.08 8.60
CA ILE A 75 -12.54 4.68 7.67
C ILE A 75 -13.24 3.43 8.18
N ASP A 76 -12.46 2.49 8.71
CA ASP A 76 -13.01 1.24 9.23
C ASP A 76 -13.85 1.48 10.48
N GLU A 77 -13.42 2.43 11.31
CA GLU A 77 -14.09 2.68 12.58
C GLU A 77 -15.30 3.59 12.43
N PHE A 78 -15.26 4.52 11.47
CA PHE A 78 -16.40 5.40 11.23
C PHE A 78 -17.51 4.65 10.50
N TRP A 79 -17.19 4.17 9.30
CA TRP A 79 -18.15 3.39 8.52
C TRP A 79 -18.14 1.94 9.01
N SER A 80 -18.53 1.77 10.27
CA SER A 80 -18.40 0.49 10.96
C SER A 80 -19.45 -0.54 10.51
N SER A 81 -20.50 -0.08 9.85
CA SER A 81 -21.56 -0.98 9.39
C SER A 81 -21.11 -1.77 8.17
N GLY A 82 -20.09 -1.28 7.48
CA GLY A 82 -19.56 -1.96 6.31
C GLY A 82 -18.59 -3.06 6.69
N PRO A 83 -18.14 -3.83 5.69
CA PRO A 83 -17.14 -4.89 5.85
C PRO A 83 -15.93 -4.42 6.63
N SER A 84 -15.57 -5.17 7.66
CA SER A 84 -14.47 -4.79 8.55
C SER A 84 -13.13 -4.89 7.84
N ILE A 85 -12.29 -3.87 8.03
CA ILE A 85 -10.97 -3.81 7.44
C ILE A 85 -9.92 -4.37 8.41
N LEU A 86 -10.24 -4.33 9.69
CA LEU A 86 -9.35 -4.83 10.74
C LEU A 86 -9.86 -6.15 11.29
N PRO A 87 -8.96 -7.00 11.83
CA PRO A 87 -9.42 -8.26 12.41
C PRO A 87 -10.25 -8.01 13.65
N SER A 88 -11.12 -8.94 14.01
CA SER A 88 -11.96 -8.78 15.19
C SER A 88 -11.15 -9.04 16.47
N ASP A 89 -10.24 -10.01 16.39
CA ASP A 89 -9.45 -10.42 17.55
C ASP A 89 -8.31 -9.46 17.83
N PRO A 90 -8.15 -9.09 19.12
CA PRO A 90 -7.10 -8.17 19.59
C PRO A 90 -5.69 -8.60 19.20
N TYR A 91 -5.37 -9.88 19.32
CA TYR A 91 -4.04 -10.36 18.95
C TYR A 91 -3.85 -10.30 17.44
N ASP A 92 -4.87 -10.71 16.69
CA ASP A 92 -4.83 -10.63 15.24
C ASP A 92 -4.68 -9.18 14.79
N ARG A 93 -5.29 -8.27 15.56
CA ARG A 93 -5.17 -6.84 15.30
C ARG A 93 -3.73 -6.38 15.45
N ALA A 94 -3.10 -6.76 16.57
CA ALA A 94 -1.73 -6.36 16.88
C ALA A 94 -0.75 -6.88 15.82
N ILE A 95 -0.96 -8.12 15.39
CA ILE A 95 -0.10 -8.73 14.38
C ILE A 95 -0.30 -8.05 13.03
N ALA A 96 -1.55 -7.73 12.72
CA ALA A 96 -1.88 -6.99 11.51
C ALA A 96 -1.14 -5.67 11.47
N ARG A 97 -1.26 -4.93 12.57
CA ARG A 97 -0.67 -3.60 12.67
C ARG A 97 0.86 -3.64 12.65
N PHE A 98 1.44 -4.69 13.22
CA PHE A 98 2.88 -4.83 13.28
C PHE A 98 3.50 -4.94 11.89
N TRP A 99 2.92 -5.79 11.06
CA TRP A 99 3.47 -6.04 9.73
C TRP A 99 3.23 -4.85 8.79
N ALA A 100 2.12 -4.15 8.99
CA ALA A 100 1.86 -2.93 8.24
C ALA A 100 2.93 -1.89 8.57
N ALA A 101 3.19 -1.71 9.86
CA ALA A 101 4.23 -0.79 10.31
C ALA A 101 5.61 -1.25 9.85
N TYR A 102 5.80 -2.57 9.80
CA TYR A 102 7.06 -3.15 9.33
C TYR A 102 7.31 -2.81 7.87
N LEU A 103 6.26 -2.87 7.06
CA LEU A 103 6.36 -2.60 5.64
C LEU A 103 6.73 -1.15 5.35
N ASP A 104 6.29 -0.24 6.23
CA ASP A 104 6.55 1.18 6.03
C ASP A 104 7.90 1.60 6.60
N GLU A 105 8.29 1.01 7.72
CA GLU A 105 9.56 1.37 8.36
C GLU A 105 10.75 0.67 7.71
N LYS A 106 10.56 -0.60 7.35
CA LYS A 106 11.68 -1.42 6.88
C LYS A 106 11.60 -1.81 5.40
N TRP A 107 10.52 -2.49 5.02
CA TRP A 107 10.44 -3.11 3.69
C TRP A 107 10.49 -2.11 2.55
N TYR A 108 9.52 -1.19 2.52
CA TYR A 108 9.43 -0.21 1.43
C TYR A 108 10.66 0.68 1.29
N PRO A 109 11.25 1.15 2.41
CA PRO A 109 12.52 1.87 2.22
C PRO A 109 13.62 0.99 1.62
N SER A 110 13.63 -0.28 1.97
CA SER A 110 14.62 -1.22 1.44
C SER A 110 14.27 -1.61 0.00
N LEU A 111 13.02 -1.39 -0.38
CA LEU A 111 12.62 -1.60 -1.77
C LEU A 111 13.14 -0.46 -2.63
N LYS A 112 13.09 0.76 -2.08
CA LYS A 112 13.65 1.92 -2.75
C LYS A 112 15.17 1.82 -2.78
N GLY A 113 15.73 1.05 -1.86
CA GLY A 113 17.17 0.92 -1.71
C GLY A 113 17.85 0.20 -2.85
N ILE A 114 17.10 -0.61 -3.60
CA ILE A 114 17.67 -1.35 -4.72
C ILE A 114 18.08 -0.40 -5.84
N ALA A 115 17.21 0.56 -6.14
CA ALA A 115 17.50 1.55 -7.17
C ALA A 115 18.56 2.54 -6.72
N SER A 116 18.52 2.89 -5.43
CA SER A 116 19.47 3.84 -4.85
C SER A 116 20.79 3.19 -4.49
N ALA A 117 21.84 4.01 -4.41
CA ALA A 117 23.18 3.60 -3.95
C ALA A 117 24.17 4.75 -4.04
N GLN A 118 25.39 4.41 -4.46
CA GLN A 118 26.46 5.38 -4.60
C GLN A 118 27.07 5.32 -6.01
N GLY A 119 28.16 4.59 -6.17
CA GLY A 119 28.84 4.48 -7.46
C GLY A 119 29.99 3.48 -7.53
N GLU A 120 29.91 2.45 -6.70
CA GLU A 120 30.87 1.35 -6.70
C GLU A 120 30.29 0.14 -7.44
N GLU A 121 30.64 -1.06 -6.96
CA GLU A 121 30.14 -2.31 -7.52
C GLU A 121 29.35 -3.18 -6.53
N ALA A 122 28.18 -3.64 -6.94
CA ALA A 122 27.45 -4.69 -6.22
C ALA A 122 27.16 -4.32 -4.78
N LYS A 123 26.47 -3.20 -4.56
CA LYS A 123 26.17 -2.80 -3.19
C LYS A 123 24.88 -3.47 -2.75
N LYS A 124 24.15 -4.00 -3.72
CA LYS A 124 22.80 -4.50 -3.49
C LYS A 124 22.74 -5.80 -2.70
N ALA A 125 23.08 -5.70 -1.42
CA ALA A 125 22.58 -6.64 -0.41
C ALA A 125 21.14 -6.23 -0.14
N ALA A 126 20.78 -5.09 -0.71
CA ALA A 126 19.40 -4.60 -0.74
C ALA A 126 18.51 -5.59 -1.48
N VAL A 127 19.02 -6.19 -2.55
CA VAL A 127 18.28 -7.21 -3.30
C VAL A 127 18.08 -8.45 -2.43
N ASP A 128 19.11 -8.81 -1.68
CA ASP A 128 19.02 -9.94 -0.76
C ASP A 128 17.99 -9.70 0.33
N GLN A 129 18.00 -8.49 0.89
CA GLN A 129 17.11 -8.16 2.00
C GLN A 129 15.65 -8.10 1.59
N VAL A 130 15.39 -7.56 0.40
CA VAL A 130 14.03 -7.56 -0.14
C VAL A 130 13.54 -8.99 -0.32
N GLY A 131 14.45 -9.86 -0.74
CA GLY A 131 14.15 -11.27 -0.87
C GLY A 131 13.85 -11.92 0.47
N GLU A 132 14.65 -11.60 1.47
CA GLU A 132 14.46 -12.13 2.82
C GLU A 132 13.14 -11.66 3.42
N SER A 133 12.86 -10.38 3.28
CA SER A 133 11.63 -9.79 3.81
C SER A 133 10.39 -10.44 3.18
N LEU A 134 10.46 -10.70 1.88
CA LEU A 134 9.34 -11.32 1.18
C LEU A 134 9.12 -12.74 1.67
N ALA A 135 10.20 -13.40 2.06
CA ALA A 135 10.12 -14.74 2.65
C ALA A 135 9.44 -14.65 4.01
N LEU A 136 9.78 -13.61 4.76
CA LEU A 136 9.16 -13.35 6.06
C LEU A 136 7.68 -13.06 5.89
N ILE A 137 7.33 -12.37 4.81
CA ILE A 137 5.96 -12.00 4.51
C ILE A 137 5.19 -13.21 3.97
N GLU A 138 5.87 -14.04 3.18
CA GLU A 138 5.29 -15.26 2.65
C GLU A 138 4.78 -16.17 3.77
N ASP A 139 5.62 -16.41 4.76
CA ASP A 139 5.25 -17.28 5.88
C ASP A 139 4.28 -16.58 6.81
N THR A 140 4.36 -15.25 6.86
CA THR A 140 3.40 -14.45 7.62
C THR A 140 2.01 -14.63 7.02
N TYR A 141 1.94 -14.63 5.70
CA TYR A 141 0.68 -14.85 4.99
C TYR A 141 0.12 -16.22 5.31
N VAL A 142 0.96 -17.25 5.24
CA VAL A 142 0.54 -18.62 5.50
C VAL A 142 -0.07 -18.75 6.89
N LYS A 143 0.54 -18.08 7.87
CA LYS A 143 0.08 -18.15 9.25
C LYS A 143 -1.20 -17.35 9.48
N LEU A 144 -1.32 -16.21 8.81
CA LEU A 144 -2.47 -15.34 9.00
C LEU A 144 -3.67 -15.76 8.16
N SER A 145 -3.44 -16.07 6.89
CA SER A 145 -4.51 -16.47 5.99
C SER A 145 -5.15 -17.79 6.42
N LYS A 146 -4.31 -18.72 6.88
CA LYS A 146 -4.75 -20.04 7.33
C LYS A 146 -5.53 -20.79 6.26
N GLY A 147 -5.04 -20.73 5.03
CA GLY A 147 -5.67 -21.42 3.92
C GLY A 147 -6.66 -20.54 3.17
N LYS A 148 -7.15 -19.51 3.84
CA LYS A 148 -8.12 -18.59 3.25
C LYS A 148 -7.40 -17.64 2.28
N PRO A 149 -8.12 -17.16 1.25
CA PRO A 149 -7.49 -16.47 0.12
C PRO A 149 -6.74 -15.18 0.46
N PHE A 150 -7.08 -14.51 1.55
CA PHE A 150 -6.44 -13.24 1.89
C PHE A 150 -5.81 -13.24 3.28
N PHE A 151 -5.02 -12.20 3.56
CA PHE A 151 -4.48 -11.97 4.89
C PHE A 151 -5.63 -11.87 5.90
N GLY A 152 -6.73 -11.29 5.46
CA GLY A 152 -7.89 -11.11 6.31
C GLY A 152 -9.03 -12.10 6.08
N GLY A 153 -8.74 -13.21 5.41
CA GLY A 153 -9.75 -14.25 5.20
C GLY A 153 -10.47 -14.19 3.87
N GLU A 154 -11.80 -14.28 3.92
CA GLU A 154 -12.68 -14.13 2.74
C GLU A 154 -12.37 -12.91 1.91
N LYS A 155 -12.42 -11.75 2.56
CA LYS A 155 -12.30 -10.48 1.89
C LYS A 155 -10.98 -9.85 2.24
N ILE A 156 -10.52 -8.92 1.42
CA ILE A 156 -9.27 -8.23 1.69
C ILE A 156 -9.37 -7.50 3.02
N GLY A 157 -8.25 -7.41 3.72
CA GLY A 157 -8.24 -6.77 5.02
C GLY A 157 -7.14 -5.75 5.16
N TYR A 158 -6.82 -5.43 6.41
CA TYR A 158 -5.84 -4.40 6.75
C TYR A 158 -4.46 -4.67 6.12
N LEU A 159 -3.94 -5.87 6.31
CA LEU A 159 -2.59 -6.20 5.82
C LEU A 159 -2.59 -6.48 4.32
N ASP A 160 -3.72 -6.93 3.79
CA ASP A 160 -3.88 -7.07 2.34
C ASP A 160 -3.67 -5.72 1.69
N ILE A 161 -4.35 -4.71 2.24
CA ILE A 161 -4.28 -3.35 1.74
C ILE A 161 -2.93 -2.72 2.02
N ALA A 162 -2.39 -2.98 3.20
CA ALA A 162 -1.10 -2.41 3.60
C ALA A 162 0.05 -2.90 2.73
N PHE A 163 0.00 -4.16 2.34
CA PHE A 163 1.07 -4.74 1.53
C PHE A 163 0.76 -4.67 0.04
N GLY A 164 -0.49 -4.98 -0.32
CA GLY A 164 -0.90 -5.01 -1.70
C GLY A 164 -0.81 -3.67 -2.42
N CYS A 165 -0.77 -2.60 -1.64
CA CYS A 165 -0.66 -1.25 -2.21
C CYS A 165 0.73 -1.01 -2.82
N PHE A 166 1.66 -1.90 -2.51
CA PHE A 166 3.03 -1.77 -3.00
C PHE A 166 3.29 -2.60 -4.26
N LEU A 167 2.31 -3.41 -4.65
CA LEU A 167 2.50 -4.40 -5.70
C LEU A 167 2.92 -3.80 -7.04
N GLY A 168 2.41 -2.60 -7.35
CA GLY A 168 2.76 -1.93 -8.59
C GLY A 168 4.20 -1.49 -8.60
N TRP A 169 4.63 -0.88 -7.49
CA TRP A 169 6.02 -0.44 -7.36
C TRP A 169 6.96 -1.63 -7.24
N LEU A 170 6.44 -2.74 -6.73
CA LEU A 170 7.22 -3.97 -6.66
C LEU A 170 7.52 -4.49 -8.06
N ARG A 171 6.49 -4.52 -8.91
CA ARG A 171 6.64 -5.01 -10.27
C ARG A 171 7.51 -4.09 -11.10
N VAL A 172 7.55 -2.81 -10.73
CA VAL A 172 8.46 -1.86 -11.37
C VAL A 172 9.88 -2.21 -11.01
N THR A 173 10.12 -2.45 -9.71
CA THR A 173 11.44 -2.80 -9.22
C THR A 173 11.93 -4.12 -9.82
N GLU A 174 11.00 -5.04 -10.04
CA GLU A 174 11.33 -6.35 -10.62
C GLU A 174 11.86 -6.24 -12.04
N LYS A 175 11.16 -5.46 -12.87
CA LYS A 175 11.53 -5.31 -14.28
C LYS A 175 12.85 -4.58 -14.46
N THR A 176 13.13 -3.61 -13.58
CA THR A 176 14.34 -2.82 -13.69
C THR A 176 15.55 -3.50 -13.07
N SER A 177 15.38 -4.07 -11.89
CA SER A 177 16.47 -4.78 -11.23
C SER A 177 16.76 -6.10 -11.93
N GLY A 178 15.74 -6.66 -12.58
CA GLY A 178 15.87 -7.92 -13.26
C GLY A 178 15.51 -9.10 -12.38
N VAL A 179 15.28 -8.82 -11.09
CA VAL A 179 14.97 -9.87 -10.13
C VAL A 179 13.48 -9.96 -9.84
N LYS A 180 12.91 -11.13 -10.15
CA LYS A 180 11.51 -11.40 -9.80
C LYS A 180 11.43 -11.86 -8.35
N PHE A 181 10.99 -10.96 -7.47
CA PHE A 181 10.93 -11.26 -6.04
C PHE A 181 9.71 -12.10 -5.70
N LEU A 182 8.58 -11.77 -6.31
CA LEU A 182 7.32 -12.43 -6.00
C LEU A 182 6.88 -13.33 -7.16
N ASN A 183 7.11 -14.64 -7.00
CA ASN A 183 6.67 -15.62 -7.99
C ASN A 183 6.34 -16.96 -7.35
N GLU A 184 6.02 -17.96 -8.18
CA GLU A 184 5.60 -19.26 -7.68
C GLU A 184 6.75 -20.02 -7.01
N ALA A 185 7.96 -19.80 -7.48
CA ALA A 185 9.13 -20.50 -6.93
C ALA A 185 9.52 -19.96 -5.57
N LYS A 186 9.72 -18.64 -5.50
CA LYS A 186 10.17 -18.01 -4.26
C LYS A 186 9.03 -17.86 -3.25
N THR A 187 7.91 -17.30 -3.70
CA THR A 187 6.78 -17.02 -2.82
C THR A 187 5.47 -17.53 -3.40
N PRO A 188 5.26 -18.86 -3.36
CA PRO A 188 4.11 -19.50 -3.99
C PRO A 188 2.76 -19.02 -3.46
N HIS A 189 2.63 -18.86 -2.15
CA HIS A 189 1.36 -18.43 -1.56
C HIS A 189 1.05 -16.97 -1.86
N LEU A 190 2.07 -16.12 -1.80
CA LEU A 190 1.91 -14.71 -2.10
C LEU A 190 1.57 -14.49 -3.57
N ALA A 191 2.13 -15.32 -4.43
CA ALA A 191 1.89 -15.23 -5.87
C ALA A 191 0.42 -15.42 -6.19
N LYS A 192 -0.19 -16.44 -5.60
CA LYS A 192 -1.60 -16.72 -5.79
C LYS A 192 -2.45 -15.61 -5.20
N TRP A 193 -2.07 -15.12 -4.03
CA TRP A 193 -2.78 -14.03 -3.36
C TRP A 193 -2.71 -12.74 -4.16
N ALA A 194 -1.55 -12.48 -4.76
CA ALA A 194 -1.32 -11.24 -5.51
C ALA A 194 -2.29 -11.15 -6.69
N VAL A 195 -2.52 -12.27 -7.36
CA VAL A 195 -3.45 -12.31 -8.49
C VAL A 195 -4.86 -11.97 -8.04
N ARG A 196 -5.29 -12.57 -6.93
CA ARG A 196 -6.62 -12.33 -6.39
C ARG A 196 -6.79 -10.91 -5.90
N PHE A 197 -5.78 -10.38 -5.22
CA PHE A 197 -5.85 -9.03 -4.68
C PHE A 197 -5.94 -8.00 -5.80
N CYS A 198 -5.08 -8.13 -6.81
CA CYS A 198 -5.05 -7.19 -7.92
C CYS A 198 -6.33 -7.26 -8.75
N ALA A 199 -7.05 -8.37 -8.64
CA ALA A 199 -8.26 -8.58 -9.42
C ALA A 199 -9.52 -8.28 -8.60
N ASP A 200 -9.34 -7.98 -7.32
CA ASP A 200 -10.46 -7.61 -6.46
C ASP A 200 -11.07 -6.30 -6.93
N PRO A 201 -12.40 -6.23 -6.99
CA PRO A 201 -13.13 -5.05 -7.50
C PRO A 201 -12.77 -3.74 -6.78
N ALA A 202 -12.35 -3.83 -5.52
CA ALA A 202 -12.00 -2.64 -4.76
C ALA A 202 -10.57 -2.20 -5.04
N VAL A 203 -9.85 -2.99 -5.83
CA VAL A 203 -8.42 -2.74 -6.07
C VAL A 203 -8.09 -2.52 -7.55
N LYS A 204 -8.71 -3.30 -8.42
CA LYS A 204 -8.28 -3.40 -9.82
C LYS A 204 -8.20 -2.08 -10.58
N ASP A 205 -9.09 -1.14 -10.29
CA ASP A 205 -9.13 0.12 -11.02
C ASP A 205 -8.19 1.18 -10.44
N VAL A 206 -7.83 1.03 -9.16
CA VAL A 206 -6.96 1.99 -8.51
C VAL A 206 -5.52 1.47 -8.42
N MET A 207 -5.31 0.26 -8.93
CA MET A 207 -3.97 -0.30 -9.08
C MET A 207 -3.41 0.10 -10.43
N PRO A 208 -2.48 1.08 -10.43
CA PRO A 208 -1.96 1.64 -11.68
C PRO A 208 -1.24 0.62 -12.56
N GLU A 209 -1.23 0.87 -13.87
CA GLU A 209 -0.49 0.01 -14.80
C GLU A 209 0.99 0.05 -14.47
N THR A 210 1.67 -1.06 -14.72
CA THR A 210 3.06 -1.22 -14.31
C THR A 210 4.02 -0.35 -15.13
N GLU A 211 3.97 -0.48 -16.45
CA GLU A 211 4.84 0.30 -17.33
C GLU A 211 4.51 1.79 -17.21
N LYS A 212 3.25 2.08 -16.89
CA LYS A 212 2.81 3.44 -16.62
C LYS A 212 3.48 3.97 -15.35
N LEU A 213 3.54 3.15 -14.32
CA LEU A 213 4.28 3.49 -13.10
C LEU A 213 5.77 3.61 -13.40
N ALA A 214 6.26 2.70 -14.24
CA ALA A 214 7.67 2.70 -14.65
C ALA A 214 8.00 3.98 -15.41
N GLU A 215 7.09 4.40 -16.28
CA GLU A 215 7.26 5.64 -17.02
C GLU A 215 7.35 6.83 -16.06
N PHE A 216 6.53 6.82 -15.03
CA PHE A 216 6.58 7.86 -14.01
C PHE A 216 7.89 7.81 -13.24
N ALA A 217 8.34 6.60 -12.94
CA ALA A 217 9.60 6.41 -12.21
C ALA A 217 10.78 6.96 -13.00
N LYS A 218 10.84 6.64 -14.29
CA LYS A 218 11.91 7.11 -15.15
C LYS A 218 11.75 8.61 -15.42
N LEU A 219 10.50 9.07 -15.46
CA LEU A 219 10.19 10.48 -15.58
C LEU A 219 10.72 11.25 -14.38
N LEU A 220 10.64 10.61 -13.22
CA LEU A 220 11.01 11.24 -11.95
C LEU A 220 12.51 11.53 -11.87
N ALA A 221 12.84 12.77 -11.51
CA ALA A 221 14.23 13.18 -11.36
C ALA A 221 14.72 13.01 -9.93
N1 GSH B . 3.65 7.80 6.51
CA1 GSH B . 2.97 8.44 5.44
C1 GSH B . 1.64 7.75 5.17
O11 GSH B . 0.66 8.44 4.77
O12 GSH B . 1.50 6.51 5.34
CB1 GSH B . 3.81 8.41 4.17
CG1 GSH B . 3.32 9.52 3.23
CD1 GSH B . 4.25 9.68 2.04
OE1 GSH B . 5.45 9.61 2.19
N2 GSH B . 3.73 9.93 0.71
CA2 GSH B . 4.73 10.11 -0.34
C2 GSH B . 4.73 11.58 -0.72
O2 GSH B . 4.65 11.92 -1.89
CB2 GSH B . 4.53 9.31 -1.51
SG2 GSH B . 3.35 8.04 -1.20
N3 GSH B . 4.82 12.50 0.35
CA3 GSH B . 4.85 13.90 0.10
C3 GSH B . 6.30 14.03 0.43
O31 GSH B . 6.96 12.99 0.66
O32 GSH B . 6.88 15.14 0.52
C1 PEG C . -20.31 1.23 5.06
O1 PEG C . -20.99 1.75 6.24
C2 PEG C . -21.21 0.61 3.98
O2 PEG C . -21.14 -0.82 3.80
C3 PEG C . -21.23 -1.26 2.47
C4 PEG C . -19.87 -1.70 1.93
O4 PEG C . -19.69 -1.69 0.52
C1 PEG D . -19.72 8.24 17.03
O1 PEG D . -18.78 8.74 17.96
C2 PEG D . -19.12 7.42 15.90
O2 PEG D . -19.44 7.98 14.66
C3 PEG D . -19.27 7.14 13.52
C4 PEG D . -19.97 5.79 13.58
O4 PEG D . -19.20 4.81 14.26
C1 PEG E . -4.49 17.36 14.53
O1 PEG E . -5.61 17.85 15.23
C2 PEG E . -4.16 18.32 13.41
O2 PEG E . -3.15 17.77 12.59
C3 PEG E . -3.70 17.24 11.41
C4 PEG E . -3.64 18.24 10.23
O4 PEG E . -4.51 19.35 10.40
C1 PEG F . -4.26 -9.23 9.19
O1 PEG F . -4.87 -10.47 8.98
C2 PEG F . -4.81 -8.01 8.43
O2 PEG F . -6.00 -8.17 7.79
C3 PEG F . -6.96 -7.70 8.73
C4 PEG F . -8.41 -7.74 8.37
O4 PEG F . -8.87 -8.94 8.94
#